data_9LQH
#
_entry.id   9LQH
#
_cell.length_a   47.160
_cell.length_b   53.880
_cell.length_c   153.370
_cell.angle_alpha   90.00
_cell.angle_beta   90.00
_cell.angle_gamma   90.00
#
_symmetry.space_group_name_H-M   'P 21 21 21'
#
loop_
_entity.id
_entity.type
_entity.pdbx_description
1 polymer 'SAM lyase'
2 non-polymer '(2~{S},5~{S})-6-[(2~{R},3~{S},4~{R},5~{R})-5-(6-aminopurin-9-yl)-3-[[(2~{R},3~{S},4~{R},5~{R})-5-(6-aminopurin-9-yl)-3,4-bis(oxidanyl)oxolan-2-yl]methoxy-oxidanyl-phosphoryl]oxy-4-oxidanyl-oxolan-2-yl]-2,5-bis(azanyl)hexanoic acid'
3 water water
#
_entity_poly.entity_id   1
_entity_poly.type   'polypeptide(L)'
_entity_poly.pdbx_seq_one_letter_code
;SMGKTLRFEIVSGVNKGYFHTNSQSESLDLVGGIWQKIAKEEFEKSNIYVSAVIKPSKTVYNQEWGCPENGEETVVLTGV
ANEEFVDDIEKWKDTVIKLAKELKNQMKQSTLTCEFIETELHYFK
;
_entity_poly.pdbx_strand_id   A,B,C
#
# COMPACT_ATOMS: atom_id res chain seq x y z
N GLY A 3 19.61 4.87 -12.12
CA GLY A 3 18.80 5.66 -11.22
C GLY A 3 17.47 5.03 -10.79
N LYS A 4 16.82 4.30 -11.69
CA LYS A 4 15.53 3.68 -11.38
C LYS A 4 15.67 2.17 -11.21
N THR A 5 14.85 1.62 -10.33
CA THR A 5 14.81 0.18 -10.11
C THR A 5 13.36 -0.26 -10.21
N LEU A 6 13.04 -1.44 -9.67
CA LEU A 6 11.69 -1.95 -9.67
C LEU A 6 11.24 -2.26 -8.26
N ARG A 7 9.94 -2.15 -8.04
CA ARG A 7 9.28 -2.70 -6.86
C ARG A 7 8.23 -3.69 -7.35
N PHE A 8 7.90 -4.67 -6.52
CA PHE A 8 6.83 -5.59 -6.84
C PHE A 8 5.68 -5.42 -5.85
N GLU A 9 4.48 -5.82 -6.28
CA GLU A 9 3.35 -5.93 -5.38
C GLU A 9 2.57 -7.19 -5.74
N ILE A 10 2.37 -8.05 -4.74
CA ILE A 10 1.60 -9.28 -4.85
C ILE A 10 0.37 -9.15 -3.96
N VAL A 11 -0.78 -9.59 -4.46
CA VAL A 11 -1.98 -9.67 -3.63
C VAL A 11 -2.41 -11.13 -3.54
N SER A 12 -2.64 -11.61 -2.31
CA SER A 12 -3.10 -12.98 -2.10
C SER A 12 -4.25 -12.98 -1.09
N GLY A 13 -5.14 -13.95 -1.25
CA GLY A 13 -6.06 -14.28 -0.17
C GLY A 13 -5.32 -14.93 0.98
N VAL A 14 -5.98 -14.94 2.15
CA VAL A 14 -5.37 -15.55 3.33
C VAL A 14 -5.92 -16.95 3.61
N ASN A 15 -6.97 -17.37 2.91
CA ASN A 15 -7.54 -18.70 2.99
C ASN A 15 -7.78 -19.16 4.43
N LYS A 16 -8.63 -18.40 5.12
CA LYS A 16 -9.02 -18.74 6.50
C LYS A 16 -9.63 -20.13 6.59
N GLY A 17 -10.40 -20.52 5.57
CA GLY A 17 -11.08 -21.81 5.63
C GLY A 17 -10.13 -22.98 5.57
N TYR A 18 -8.96 -22.78 4.98
CA TYR A 18 -7.97 -23.84 4.88
C TYR A 18 -7.06 -23.88 6.11
N PHE A 19 -6.53 -22.72 6.51
CA PHE A 19 -5.58 -22.64 7.61
C PHE A 19 -6.23 -22.46 8.97
N HIS A 20 -7.54 -22.18 9.01
CA HIS A 20 -8.29 -22.04 10.27
C HIS A 20 -7.67 -20.98 11.18
N THR A 21 -7.25 -19.87 10.56
CA THR A 21 -6.86 -18.69 11.31
C THR A 21 -8.11 -17.87 11.64
N ASN A 22 -8.01 -17.10 12.72
CA ASN A 22 -9.18 -16.47 13.31
C ASN A 22 -9.01 -14.97 13.51
N SER A 23 -8.01 -14.36 12.88
CA SER A 23 -7.75 -12.93 13.05
C SER A 23 -6.79 -12.47 11.96
N GLN A 24 -6.92 -11.20 11.57
CA GLN A 24 -5.99 -10.67 10.58
C GLN A 24 -4.55 -10.72 11.07
N SER A 25 -4.33 -10.62 12.37
CA SER A 25 -2.99 -10.77 12.93
C SER A 25 -2.46 -12.18 12.71
N GLU A 26 -3.31 -13.19 12.85
CA GLU A 26 -2.89 -14.55 12.58
C GLU A 26 -2.62 -14.78 11.10
N SER A 27 -3.39 -14.10 10.23
CA SER A 27 -3.13 -14.20 8.80
C SER A 27 -1.78 -13.61 8.43
N LEU A 28 -1.38 -12.50 9.08
CA LEU A 28 -0.10 -11.87 8.77
C LEU A 28 1.06 -12.75 9.19
N ASP A 29 0.97 -13.36 10.38
CA ASP A 29 2.02 -14.28 10.83
C ASP A 29 2.09 -15.49 9.92
N LEU A 30 0.93 -16.00 9.49
CA LEU A 30 0.89 -17.17 8.60
C LEU A 30 1.60 -16.88 7.29
N VAL A 31 1.16 -15.83 6.60
CA VAL A 31 1.77 -15.45 5.32
C VAL A 31 3.22 -15.05 5.51
N GLY A 32 3.52 -14.31 6.57
CA GLY A 32 4.90 -13.94 6.85
C GLY A 32 5.80 -15.14 6.99
N GLY A 33 5.35 -16.14 7.76
CA GLY A 33 6.16 -17.33 7.93
C GLY A 33 6.35 -18.09 6.64
N ILE A 34 5.29 -18.16 5.82
CA ILE A 34 5.40 -18.84 4.54
C ILE A 34 6.39 -18.11 3.63
N TRP A 35 6.25 -16.78 3.53
CA TRP A 35 7.20 -16.01 2.73
C TRP A 35 8.62 -16.18 3.25
N GLN A 36 8.78 -16.07 4.57
CA GLN A 36 10.11 -16.20 5.14
C GLN A 36 10.74 -17.53 4.75
N LYS A 37 9.97 -18.61 4.77
CA LYS A 37 10.51 -19.91 4.43
C LYS A 37 10.85 -20.02 2.93
N ILE A 38 9.94 -19.58 2.06
CA ILE A 38 10.20 -19.72 0.63
C ILE A 38 11.32 -18.80 0.19
N ALA A 39 11.41 -17.60 0.77
CA ALA A 39 12.48 -16.67 0.39
C ALA A 39 13.83 -17.20 0.84
N LYS A 40 13.89 -17.79 2.02
CA LYS A 40 15.13 -18.41 2.49
C LYS A 40 15.54 -19.57 1.59
N GLU A 41 14.57 -20.44 1.27
CA GLU A 41 14.86 -21.58 0.40
C GLU A 41 15.40 -21.14 -0.96
N GLU A 42 14.80 -20.10 -1.55
CA GLU A 42 15.30 -19.61 -2.83
C GLU A 42 16.66 -18.95 -2.68
N PHE A 43 16.87 -18.22 -1.59
CA PHE A 43 18.15 -17.57 -1.32
C PHE A 43 19.29 -18.58 -1.26
N GLU A 44 19.05 -19.74 -0.64
CA GLU A 44 20.09 -20.77 -0.58
C GLU A 44 20.39 -21.40 -1.92
N LYS A 45 19.56 -21.19 -2.94
CA LYS A 45 19.87 -21.69 -4.27
C LYS A 45 20.59 -20.65 -5.13
N SER A 46 20.09 -19.42 -5.15
CA SER A 46 20.49 -18.41 -6.12
C SER A 46 21.27 -17.25 -5.51
N ASN A 47 21.32 -17.14 -4.19
CA ASN A 47 21.86 -15.99 -3.47
C ASN A 47 21.06 -14.71 -3.72
N ILE A 48 19.81 -14.81 -4.13
CA ILE A 48 18.93 -13.66 -4.32
C ILE A 48 17.86 -13.73 -3.25
N TYR A 49 17.90 -12.80 -2.30
CA TYR A 49 16.92 -12.75 -1.22
C TYR A 49 15.87 -11.69 -1.54
N VAL A 50 14.61 -12.08 -1.53
CA VAL A 50 13.51 -11.17 -1.80
C VAL A 50 12.76 -10.94 -0.49
N SER A 51 13.00 -9.79 0.14
CA SER A 51 12.25 -9.43 1.32
C SER A 51 10.89 -8.88 0.91
N ALA A 52 9.96 -8.85 1.86
CA ALA A 52 8.62 -8.39 1.54
C ALA A 52 8.01 -7.65 2.72
N VAL A 53 7.35 -6.53 2.40
CA VAL A 53 6.53 -5.79 3.35
C VAL A 53 5.10 -6.27 3.16
N ILE A 54 4.49 -6.72 4.25
CA ILE A 54 3.19 -7.38 4.18
C ILE A 54 2.17 -6.54 4.93
N LYS A 55 1.07 -6.23 4.25
CA LYS A 55 0.01 -5.36 4.75
C LYS A 55 -1.32 -6.10 4.76
N PRO A 56 -2.12 -5.91 5.79
CA PRO A 56 -3.47 -6.47 5.79
C PRO A 56 -4.39 -5.65 4.90
N SER A 57 -5.40 -6.33 4.37
CA SER A 57 -6.32 -5.68 3.44
C SER A 57 -7.58 -6.52 3.29
N LYS A 58 -8.56 -5.94 2.62
CA LYS A 58 -9.72 -6.66 2.10
C LYS A 58 -9.86 -6.36 0.61
N THR A 59 -10.32 -7.35 -0.16
CA THR A 59 -10.47 -7.16 -1.59
C THR A 59 -11.94 -7.27 -1.95
N VAL A 60 -12.45 -6.25 -2.63
CA VAL A 60 -13.87 -6.13 -2.95
C VAL A 60 -14.05 -6.51 -4.40
N TYR A 61 -14.91 -7.50 -4.66
CA TYR A 61 -15.30 -7.84 -6.03
C TYR A 61 -16.73 -8.35 -6.00
N ASN A 62 -17.23 -8.77 -7.16
CA ASN A 62 -18.63 -9.13 -7.30
C ASN A 62 -18.94 -10.37 -6.47
N GLN A 63 -20.01 -10.30 -5.66
CA GLN A 63 -20.39 -11.47 -4.86
C GLN A 63 -20.78 -12.65 -5.73
N GLU A 64 -21.20 -12.40 -6.98
CA GLU A 64 -21.51 -13.50 -7.89
C GLU A 64 -20.27 -14.31 -8.26
N TRP A 65 -19.08 -13.76 -8.07
CA TRP A 65 -17.83 -14.45 -8.34
C TRP A 65 -17.22 -15.07 -7.09
N GLY A 66 -17.92 -15.00 -5.96
CA GLY A 66 -17.48 -15.61 -4.72
C GLY A 66 -17.05 -14.65 -3.63
N CYS A 67 -17.05 -13.35 -3.87
CA CYS A 67 -16.58 -12.44 -2.85
C CYS A 67 -17.58 -12.40 -1.70
N PRO A 68 -17.12 -12.48 -0.45
CA PRO A 68 -18.03 -12.22 0.67
C PRO A 68 -18.54 -10.78 0.64
N GLU A 69 -19.68 -10.56 1.28
CA GLU A 69 -20.19 -9.20 1.38
C GLU A 69 -19.17 -8.34 2.11
N ASN A 70 -18.86 -7.18 1.54
CA ASN A 70 -17.91 -6.17 2.01
C ASN A 70 -16.46 -6.51 1.72
N GLY A 71 -16.14 -7.71 1.23
CA GLY A 71 -14.77 -8.02 0.83
C GLY A 71 -14.16 -9.30 1.39
N GLU A 72 -13.19 -9.85 0.66
CA GLU A 72 -12.42 -11.02 1.08
C GLU A 72 -11.19 -10.54 1.87
N GLU A 73 -10.83 -11.26 2.92
CA GLU A 73 -9.59 -10.95 3.65
C GLU A 73 -8.38 -11.30 2.80
N THR A 74 -7.47 -10.34 2.60
CA THR A 74 -6.32 -10.49 1.72
C THR A 74 -5.08 -9.91 2.37
N VAL A 75 -3.93 -10.17 1.74
CA VAL A 75 -2.66 -9.56 2.15
C VAL A 75 -1.99 -8.99 0.91
N VAL A 76 -1.33 -7.86 1.08
CA VAL A 76 -0.52 -7.25 0.03
C VAL A 76 0.93 -7.37 0.43
N LEU A 77 1.75 -7.92 -0.46
CA LEU A 77 3.18 -8.07 -0.24
C LEU A 77 3.91 -7.17 -1.23
N THR A 78 4.86 -6.38 -0.74
CA THR A 78 5.58 -5.48 -1.62
C THR A 78 7.07 -5.55 -1.30
N GLY A 79 7.89 -5.22 -2.31
CA GLY A 79 9.32 -5.18 -2.05
C GLY A 79 10.00 -4.43 -3.17
N VAL A 80 11.26 -4.09 -2.95
CA VAL A 80 12.00 -3.26 -3.89
C VAL A 80 13.30 -3.96 -4.24
N ALA A 81 13.71 -3.83 -5.49
CA ALA A 81 15.00 -4.36 -5.93
C ALA A 81 16.05 -3.33 -5.52
N ASN A 82 16.70 -3.56 -4.39
CA ASN A 82 17.68 -2.62 -3.88
C ASN A 82 19.03 -2.86 -4.55
N GLU A 83 19.53 -1.85 -5.27
CA GLU A 83 20.80 -1.96 -5.98
C GLU A 83 21.96 -2.33 -5.06
N GLU A 84 21.85 -2.02 -3.76
CA GLU A 84 22.85 -2.46 -2.79
C GLU A 84 23.02 -3.98 -2.85
N PHE A 85 21.93 -4.72 -3.05
CA PHE A 85 21.94 -6.17 -2.99
C PHE A 85 21.71 -6.85 -4.34
N VAL A 86 21.10 -6.16 -5.30
CA VAL A 86 20.67 -6.77 -6.57
C VAL A 86 21.63 -6.34 -7.67
N ASP A 87 22.27 -7.31 -8.31
CA ASP A 87 23.17 -6.99 -9.41
C ASP A 87 22.57 -7.28 -10.79
N ASP A 88 21.45 -8.00 -10.87
CA ASP A 88 20.84 -8.36 -12.15
C ASP A 88 19.34 -8.27 -11.94
N ILE A 89 18.75 -7.18 -12.45
CA ILE A 89 17.33 -6.94 -12.23
C ILE A 89 16.48 -8.02 -12.91
N GLU A 90 16.92 -8.51 -14.07
CA GLU A 90 16.12 -9.52 -14.78
C GLU A 90 16.03 -10.80 -13.97
N LYS A 91 17.14 -11.24 -13.38
CA LYS A 91 17.10 -12.44 -12.54
C LYS A 91 16.32 -12.18 -11.26
N TRP A 92 16.36 -10.94 -10.75
CA TRP A 92 15.53 -10.61 -9.59
C TRP A 92 14.04 -10.72 -9.91
N LYS A 93 13.62 -10.18 -11.06
CA LYS A 93 12.22 -10.31 -11.47
C LYS A 93 11.80 -11.77 -11.56
N ASP A 94 12.64 -12.60 -12.20
CA ASP A 94 12.37 -14.04 -12.28
C ASP A 94 12.15 -14.62 -10.88
N THR A 95 12.95 -14.16 -9.92
CA THR A 95 12.89 -14.71 -8.57
C THR A 95 11.59 -14.31 -7.89
N VAL A 96 11.21 -13.04 -8.03
CA VAL A 96 9.94 -12.58 -7.49
C VAL A 96 8.79 -13.39 -8.08
N ILE A 97 8.81 -13.59 -9.40
CA ILE A 97 7.74 -14.36 -10.05
C ILE A 97 7.72 -15.79 -9.53
N LYS A 98 8.91 -16.39 -9.38
CA LYS A 98 8.98 -17.76 -8.88
C LYS A 98 8.40 -17.86 -7.48
N LEU A 99 8.71 -16.89 -6.61
CA LEU A 99 8.19 -16.90 -5.25
C LEU A 99 6.69 -16.61 -5.25
N ALA A 100 6.24 -15.71 -6.13
CA ALA A 100 4.80 -15.43 -6.22
C ALA A 100 4.02 -16.67 -6.60
N LYS A 101 4.56 -17.48 -7.52
CA LYS A 101 3.87 -18.72 -7.89
C LYS A 101 3.92 -19.73 -6.75
N GLU A 102 5.01 -19.76 -5.97
CA GLU A 102 5.05 -20.66 -4.82
C GLU A 102 4.05 -20.23 -3.75
N LEU A 103 3.93 -18.93 -3.52
CA LEU A 103 2.96 -18.42 -2.56
C LEU A 103 1.55 -18.78 -3.00
N LYS A 104 1.24 -18.57 -4.28
CA LYS A 104 -0.06 -18.95 -4.82
C LYS A 104 -0.37 -20.40 -4.53
N ASN A 105 0.59 -21.29 -4.79
CA ASN A 105 0.36 -22.71 -4.57
C ASN A 105 0.18 -23.03 -3.09
N GLN A 106 1.03 -22.49 -2.23
CA GLN A 106 0.96 -22.85 -0.81
C GLN A 106 -0.27 -22.27 -0.14
N MET A 107 -0.72 -21.10 -0.59
CA MET A 107 -1.96 -20.53 -0.06
C MET A 107 -3.21 -21.10 -0.72
N LYS A 108 -3.06 -22.06 -1.65
CA LYS A 108 -4.19 -22.69 -2.34
C LYS A 108 -5.07 -21.66 -3.04
N GLN A 109 -4.44 -20.69 -3.69
CA GLN A 109 -5.16 -19.63 -4.39
C GLN A 109 -5.39 -20.08 -5.82
N SER A 110 -6.58 -19.76 -6.36
CA SER A 110 -6.85 -20.10 -7.75
C SER A 110 -6.25 -19.09 -8.71
N THR A 111 -6.08 -17.83 -8.27
CA THR A 111 -5.50 -16.79 -9.08
C THR A 111 -4.65 -15.91 -8.19
N LEU A 112 -3.74 -15.16 -8.80
CA LEU A 112 -2.86 -14.27 -8.04
C LEU A 112 -2.28 -13.24 -8.98
N THR A 113 -2.11 -12.01 -8.47
CA THR A 113 -1.51 -10.93 -9.23
C THR A 113 -0.12 -10.63 -8.69
N CYS A 114 0.80 -10.32 -9.60
CA CYS A 114 2.15 -9.89 -9.26
C CYS A 114 2.51 -8.77 -10.20
N GLU A 115 2.73 -7.57 -9.67
CA GLU A 115 2.95 -6.39 -10.48
C GLU A 115 4.36 -5.87 -10.27
N PHE A 116 4.92 -5.26 -11.31
CA PHE A 116 6.20 -4.58 -11.19
C PHE A 116 6.01 -3.14 -11.58
N ILE A 117 6.57 -2.24 -10.77
CA ILE A 117 6.40 -0.81 -10.92
C ILE A 117 7.79 -0.18 -10.87
N GLU A 118 8.06 0.73 -11.80
CA GLU A 118 9.32 1.46 -11.80
C GLU A 118 9.35 2.45 -10.63
N THR A 119 10.49 2.52 -9.96
CA THR A 119 10.63 3.30 -8.74
C THR A 119 12.04 3.85 -8.64
N GLU A 120 12.17 5.04 -8.04
CA GLU A 120 13.48 5.62 -7.76
C GLU A 120 13.77 5.42 -6.28
N LEU A 121 14.72 4.55 -5.97
CA LEU A 121 14.98 4.18 -4.59
C LEU A 121 16.12 5.00 -4.00
N HIS A 122 15.84 5.62 -2.85
CA HIS A 122 16.85 6.25 -2.01
C HIS A 122 17.01 5.39 -0.77
N TYR A 123 18.20 4.84 -0.58
CA TYR A 123 18.50 3.91 0.50
C TYR A 123 19.44 4.61 1.48
N PHE A 124 18.99 4.78 2.71
CA PHE A 124 19.78 5.46 3.73
C PHE A 124 20.33 4.44 4.70
N LYS A 125 21.64 4.44 4.89
CA LYS A 125 22.27 3.50 5.80
C LYS A 125 23.34 4.18 6.64
N SER B 1 -1.00 -13.34 -19.93
CA SER B 1 -0.66 -13.51 -18.53
C SER B 1 0.22 -12.37 -18.02
N MET B 2 0.82 -11.59 -18.92
CA MET B 2 1.60 -10.42 -18.50
C MET B 2 1.47 -9.30 -19.51
N GLY B 3 1.59 -8.06 -19.01
CA GLY B 3 1.54 -6.88 -19.86
C GLY B 3 1.56 -5.55 -19.12
N LYS B 4 1.89 -4.48 -19.83
CA LYS B 4 1.86 -3.13 -19.27
C LYS B 4 0.43 -2.64 -19.13
N THR B 5 0.12 -2.07 -17.98
CA THR B 5 -1.24 -1.64 -17.74
C THR B 5 -1.20 -0.52 -16.70
N LEU B 6 -2.34 -0.24 -16.08
CA LEU B 6 -2.44 0.80 -15.08
C LEU B 6 -3.01 0.22 -13.79
N ARG B 7 -2.56 0.80 -12.69
CA ARG B 7 -3.23 0.60 -11.40
C ARG B 7 -3.74 1.95 -10.91
N PHE B 8 -4.72 1.91 -10.03
CA PHE B 8 -5.23 3.13 -9.43
C PHE B 8 -5.02 3.06 -7.92
N GLU B 9 -4.97 4.23 -7.31
CA GLU B 9 -5.01 4.33 -5.85
C GLU B 9 -5.87 5.53 -5.48
N ILE B 10 -6.84 5.28 -4.60
CA ILE B 10 -7.72 6.30 -4.06
C ILE B 10 -7.53 6.32 -2.54
N VAL B 11 -7.48 7.52 -1.95
CA VAL B 11 -7.48 7.67 -0.51
C VAL B 11 -8.75 8.39 -0.10
N SER B 12 -9.51 7.83 0.85
CA SER B 12 -10.72 8.45 1.36
C SER B 12 -10.71 8.48 2.88
N GLY B 13 -11.37 9.50 3.44
CA GLY B 13 -11.71 9.48 4.85
C GLY B 13 -12.84 8.51 5.11
N VAL B 14 -13.05 8.20 6.39
CA VAL B 14 -14.11 7.29 6.80
C VAL B 14 -15.32 8.01 7.39
N ASN B 15 -15.23 9.32 7.59
CA ASN B 15 -16.33 10.17 8.05
C ASN B 15 -17.01 9.64 9.30
N LYS B 16 -16.24 9.55 10.39
CA LYS B 16 -16.80 9.12 11.67
C LYS B 16 -17.98 9.99 12.09
N GLY B 17 -17.89 11.30 11.84
CA GLY B 17 -18.95 12.20 12.25
C GLY B 17 -20.29 11.90 11.62
N TYR B 18 -20.30 11.25 10.47
CA TYR B 18 -21.53 10.92 9.76
C TYR B 18 -21.94 9.47 9.93
N PHE B 19 -20.98 8.54 9.95
CA PHE B 19 -21.32 7.13 10.06
C PHE B 19 -21.14 6.54 11.46
N HIS B 20 -20.35 7.20 12.31
CA HIS B 20 -20.18 6.81 13.72
C HIS B 20 -19.65 5.40 13.89
N THR B 21 -18.78 4.98 12.97
CA THR B 21 -18.05 3.75 13.18
C THR B 21 -17.02 3.97 14.28
N ASN B 22 -16.66 2.87 14.96
CA ASN B 22 -15.79 2.96 16.13
C ASN B 22 -14.63 1.97 16.08
N SER B 23 -14.31 1.45 14.89
CA SER B 23 -13.12 0.62 14.74
C SER B 23 -12.72 0.64 13.28
N GLN B 24 -11.45 0.33 13.03
CA GLN B 24 -10.97 0.29 11.66
C GLN B 24 -11.63 -0.83 10.87
N SER B 25 -11.95 -1.95 11.52
CA SER B 25 -12.66 -3.01 10.81
C SER B 25 -14.05 -2.53 10.39
N GLU B 26 -14.73 -1.78 11.25
CA GLU B 26 -16.04 -1.22 10.88
C GLU B 26 -15.88 -0.24 9.72
N SER B 27 -14.83 0.57 9.74
CA SER B 27 -14.60 1.52 8.64
C SER B 27 -14.34 0.80 7.32
N LEU B 28 -13.55 -0.28 7.35
CA LEU B 28 -13.29 -1.03 6.13
C LEU B 28 -14.56 -1.63 5.54
N ASP B 29 -15.42 -2.18 6.40
CA ASP B 29 -16.68 -2.74 5.92
C ASP B 29 -17.56 -1.66 5.31
N LEU B 30 -17.55 -0.49 5.91
CA LEU B 30 -18.33 0.64 5.40
C LEU B 30 -17.89 1.01 3.99
N VAL B 31 -16.60 1.34 3.83
CA VAL B 31 -16.08 1.73 2.52
C VAL B 31 -16.18 0.58 1.53
N GLY B 32 -15.85 -0.63 1.96
CA GLY B 32 -15.91 -1.78 1.07
C GLY B 32 -17.32 -2.08 0.59
N GLY B 33 -18.31 -1.94 1.48
CA GLY B 33 -19.69 -2.14 1.07
C GLY B 33 -20.14 -1.13 0.04
N ILE B 34 -19.77 0.14 0.20
CA ILE B 34 -20.13 1.15 -0.78
C ILE B 34 -19.44 0.86 -2.11
N TRP B 35 -18.13 0.56 -2.07
CA TRP B 35 -17.44 0.23 -3.31
C TRP B 35 -18.09 -0.95 -4.00
N GLN B 36 -18.48 -1.97 -3.24
CA GLN B 36 -19.09 -3.15 -3.84
C GLN B 36 -20.34 -2.78 -4.62
N LYS B 37 -21.18 -1.92 -4.04
CA LYS B 37 -22.43 -1.58 -4.70
C LYS B 37 -22.19 -0.72 -5.95
N ILE B 38 -21.36 0.32 -5.84
CA ILE B 38 -21.14 1.19 -6.98
C ILE B 38 -20.37 0.48 -8.09
N ALA B 39 -19.45 -0.42 -7.73
CA ALA B 39 -18.71 -1.13 -8.78
C ALA B 39 -19.61 -2.09 -9.52
N LYS B 40 -20.54 -2.75 -8.81
CA LYS B 40 -21.46 -3.66 -9.47
C LYS B 40 -22.41 -2.90 -10.38
N GLU B 41 -22.87 -1.72 -9.92
CA GLU B 41 -23.79 -0.92 -10.69
C GLU B 41 -23.16 -0.40 -11.97
N GLU B 42 -21.90 0.04 -11.90
CA GLU B 42 -21.21 0.46 -13.11
C GLU B 42 -20.93 -0.73 -14.03
N PHE B 43 -20.62 -1.90 -13.45
CA PHE B 43 -20.47 -3.10 -14.26
C PHE B 43 -21.74 -3.40 -15.05
N GLU B 44 -22.91 -3.25 -14.41
CA GLU B 44 -24.16 -3.45 -15.12
C GLU B 44 -24.35 -2.43 -16.24
N LYS B 45 -23.73 -1.24 -16.11
CA LYS B 45 -23.86 -0.22 -17.14
C LYS B 45 -22.92 -0.46 -18.31
N SER B 46 -21.65 -0.76 -18.03
CA SER B 46 -20.59 -0.71 -19.03
C SER B 46 -19.87 -2.03 -19.25
N ASN B 47 -20.16 -3.07 -18.47
CA ASN B 47 -19.44 -4.34 -18.50
C ASN B 47 -17.98 -4.20 -18.07
N ILE B 48 -17.66 -3.16 -17.32
CA ILE B 48 -16.35 -2.96 -16.72
C ILE B 48 -16.52 -3.03 -15.22
N TYR B 49 -15.97 -4.07 -14.60
CA TYR B 49 -16.01 -4.23 -13.15
C TYR B 49 -14.65 -3.82 -12.59
N VAL B 50 -14.66 -2.82 -11.71
CA VAL B 50 -13.44 -2.36 -11.04
C VAL B 50 -13.39 -2.94 -9.63
N SER B 51 -12.58 -3.98 -9.45
CA SER B 51 -12.36 -4.50 -8.11
C SER B 51 -11.34 -3.63 -7.38
N ALA B 52 -11.36 -3.71 -6.05
CA ALA B 52 -10.50 -2.86 -5.24
C ALA B 52 -9.97 -3.60 -4.03
N VAL B 53 -8.65 -3.47 -3.81
CA VAL B 53 -8.03 -3.88 -2.56
C VAL B 53 -8.08 -2.69 -1.61
N ILE B 54 -8.61 -2.89 -0.41
CA ILE B 54 -8.81 -1.79 0.54
C ILE B 54 -7.97 -2.03 1.80
N LYS B 55 -7.30 -0.98 2.26
CA LYS B 55 -6.35 -1.09 3.36
C LYS B 55 -6.67 -0.02 4.40
N PRO B 56 -6.61 -0.36 5.68
CA PRO B 56 -6.77 0.65 6.72
C PRO B 56 -5.52 1.52 6.79
N SER B 57 -5.73 2.78 7.20
CA SER B 57 -4.62 3.72 7.27
C SER B 57 -4.99 4.87 8.18
N LYS B 58 -3.98 5.70 8.48
CA LYS B 58 -4.18 7.02 9.05
C LYS B 58 -3.47 8.02 8.16
N THR B 59 -4.11 9.16 7.92
CA THR B 59 -3.53 10.23 7.10
C THR B 59 -3.14 11.40 8.00
N VAL B 60 -1.86 11.75 7.98
CA VAL B 60 -1.32 12.79 8.85
C VAL B 60 -1.16 14.07 8.04
N TYR B 61 -1.81 15.14 8.48
CA TYR B 61 -1.63 16.47 7.90
C TYR B 61 -1.72 17.49 9.02
N ASN B 62 -1.63 18.77 8.65
CA ASN B 62 -1.57 19.85 9.62
C ASN B 62 -2.85 19.91 10.44
N GLN B 63 -2.70 19.91 11.77
CA GLN B 63 -3.86 20.03 12.65
C GLN B 63 -4.61 21.33 12.40
N GLU B 64 -3.91 22.38 11.93
CA GLU B 64 -4.56 23.64 11.65
C GLU B 64 -5.48 23.57 10.43
N TRP B 65 -5.42 22.50 9.64
CA TRP B 65 -6.34 22.30 8.53
C TRP B 65 -7.42 21.27 8.86
N GLY B 66 -7.49 20.82 10.11
CA GLY B 66 -8.53 19.90 10.55
C GLY B 66 -8.04 18.51 10.94
N CYS B 67 -6.77 18.17 10.77
CA CYS B 67 -6.35 16.79 11.06
C CYS B 67 -6.36 16.53 12.56
N PRO B 68 -6.92 15.41 13.01
CA PRO B 68 -6.74 15.03 14.42
C PRO B 68 -5.27 14.82 14.73
N GLU B 69 -4.91 14.96 16.02
CA GLU B 69 -3.56 14.63 16.41
C GLU B 69 -3.29 13.15 16.15
N ASN B 70 -2.15 12.88 15.50
CA ASN B 70 -1.65 11.57 15.10
C ASN B 70 -2.32 11.03 13.83
N GLY B 71 -3.27 11.74 13.24
CA GLY B 71 -3.82 11.37 11.95
C GLY B 71 -5.33 11.16 11.87
N GLU B 72 -5.87 11.34 10.66
CA GLU B 72 -7.26 11.05 10.34
C GLU B 72 -7.40 9.60 9.90
N GLU B 73 -8.43 8.92 10.39
CA GLU B 73 -8.68 7.55 9.95
C GLU B 73 -9.11 7.55 8.48
N THR B 74 -8.39 6.79 7.66
CA THR B 74 -8.59 6.77 6.21
C THR B 74 -8.54 5.34 5.69
N VAL B 75 -8.94 5.18 4.44
CA VAL B 75 -8.91 3.91 3.73
C VAL B 75 -8.26 4.15 2.37
N VAL B 76 -7.38 3.24 1.97
CA VAL B 76 -6.69 3.30 0.69
C VAL B 76 -7.26 2.18 -0.18
N LEU B 77 -7.78 2.55 -1.35
CA LEU B 77 -8.31 1.58 -2.30
C LEU B 77 -7.42 1.53 -3.52
N THR B 78 -7.05 0.33 -3.96
CA THR B 78 -6.18 0.17 -5.10
C THR B 78 -6.73 -0.94 -5.99
N GLY B 79 -6.37 -0.89 -7.25
CA GLY B 79 -6.75 -1.96 -8.15
C GLY B 79 -5.95 -1.85 -9.43
N VAL B 80 -5.99 -2.92 -10.21
CA VAL B 80 -5.19 -3.00 -11.43
C VAL B 80 -6.13 -3.31 -12.59
N ALA B 81 -5.83 -2.75 -13.76
CA ALA B 81 -6.60 -3.05 -14.96
C ALA B 81 -6.04 -4.34 -15.55
N ASN B 82 -6.74 -5.45 -15.32
CA ASN B 82 -6.30 -6.76 -15.79
C ASN B 82 -6.80 -6.95 -17.22
N GLU B 83 -5.87 -7.13 -18.15
CA GLU B 83 -6.26 -7.28 -19.54
C GLU B 83 -7.04 -8.56 -19.81
N GLU B 84 -7.06 -9.51 -18.87
CA GLU B 84 -7.99 -10.63 -18.98
C GLU B 84 -9.44 -10.14 -19.00
N PHE B 85 -9.71 -9.01 -18.35
CA PHE B 85 -11.06 -8.48 -18.25
C PHE B 85 -11.25 -7.11 -18.89
N VAL B 86 -10.19 -6.33 -19.08
CA VAL B 86 -10.29 -4.95 -19.58
C VAL B 86 -9.76 -4.95 -21.01
N ASP B 87 -10.63 -4.60 -21.97
CA ASP B 87 -10.20 -4.49 -23.35
C ASP B 87 -9.76 -3.08 -23.72
N ASP B 88 -10.15 -2.07 -22.95
CA ASP B 88 -9.98 -0.67 -23.33
C ASP B 88 -9.53 0.07 -22.08
N ILE B 89 -8.23 0.36 -22.00
CA ILE B 89 -7.67 0.96 -20.79
C ILE B 89 -8.25 2.34 -20.53
N GLU B 90 -8.54 3.10 -21.59
CA GLU B 90 -9.07 4.44 -21.40
C GLU B 90 -10.49 4.41 -20.83
N LYS B 91 -11.31 3.45 -21.28
CA LYS B 91 -12.65 3.32 -20.70
C LYS B 91 -12.57 2.90 -19.24
N TRP B 92 -11.64 1.99 -18.92
CA TRP B 92 -11.45 1.58 -17.53
C TRP B 92 -11.04 2.77 -16.68
N LYS B 93 -10.10 3.58 -17.18
CA LYS B 93 -9.67 4.76 -16.44
C LYS B 93 -10.85 5.68 -16.15
N ASP B 94 -11.66 5.96 -17.17
CA ASP B 94 -12.82 6.82 -16.98
C ASP B 94 -13.81 6.21 -15.98
N THR B 95 -13.93 4.87 -15.97
CA THR B 95 -14.77 4.20 -15.00
C THR B 95 -14.26 4.39 -13.59
N VAL B 96 -12.93 4.25 -13.41
CA VAL B 96 -12.34 4.46 -12.10
C VAL B 96 -12.61 5.86 -11.60
N ILE B 97 -12.44 6.86 -12.47
CA ILE B 97 -12.68 8.26 -12.09
C ILE B 97 -14.14 8.44 -11.70
N LYS B 98 -15.05 7.83 -12.46
CA LYS B 98 -16.48 7.92 -12.16
C LYS B 98 -16.80 7.32 -10.80
N LEU B 99 -16.23 6.14 -10.51
CA LEU B 99 -16.44 5.51 -9.21
C LEU B 99 -15.80 6.32 -8.08
N ALA B 100 -14.62 6.89 -8.33
CA ALA B 100 -13.97 7.70 -7.32
C ALA B 100 -14.85 8.89 -6.92
N LYS B 101 -15.46 9.55 -7.92
CA LYS B 101 -16.36 10.66 -7.61
C LYS B 101 -17.59 10.18 -6.85
N GLU B 102 -18.14 9.03 -7.23
CA GLU B 102 -19.29 8.48 -6.50
C GLU B 102 -18.90 8.11 -5.07
N LEU B 103 -17.73 7.51 -4.88
CA LEU B 103 -17.26 7.25 -3.52
C LEU B 103 -17.13 8.55 -2.72
N LYS B 104 -16.56 9.59 -3.32
CA LYS B 104 -16.43 10.88 -2.65
C LYS B 104 -17.80 11.41 -2.22
N ASN B 105 -18.79 11.31 -3.11
CA ASN B 105 -20.14 11.80 -2.83
C ASN B 105 -20.80 11.00 -1.70
N GLN B 106 -20.81 9.66 -1.82
CA GLN B 106 -21.52 8.85 -0.83
C GLN B 106 -20.81 8.81 0.52
N MET B 107 -19.50 9.02 0.54
CA MET B 107 -18.76 9.14 1.79
C MET B 107 -18.77 10.55 2.37
N LYS B 108 -19.42 11.49 1.68
CA LYS B 108 -19.54 12.87 2.14
C LYS B 108 -18.16 13.53 2.34
N GLN B 109 -17.24 13.26 1.41
CA GLN B 109 -15.88 13.78 1.53
C GLN B 109 -15.78 15.11 0.80
N SER B 110 -15.00 16.04 1.35
CA SER B 110 -14.85 17.33 0.68
C SER B 110 -13.78 17.27 -0.40
N THR B 111 -12.79 16.42 -0.24
CA THR B 111 -11.76 16.23 -1.25
C THR B 111 -11.42 14.75 -1.34
N LEU B 112 -10.80 14.36 -2.46
CA LEU B 112 -10.39 12.98 -2.66
C LEU B 112 -9.27 12.96 -3.70
N THR B 113 -8.29 12.07 -3.52
CA THR B 113 -7.26 11.85 -4.52
C THR B 113 -7.48 10.52 -5.23
N CYS B 114 -7.18 10.50 -6.52
CA CYS B 114 -7.27 9.28 -7.32
C CYS B 114 -6.10 9.30 -8.30
N GLU B 115 -5.19 8.35 -8.13
CA GLU B 115 -3.94 8.33 -8.89
C GLU B 115 -3.92 7.13 -9.81
N PHE B 116 -3.30 7.31 -10.98
CA PHE B 116 -3.02 6.20 -11.88
C PHE B 116 -1.52 6.04 -12.02
N ILE B 117 -1.06 4.79 -11.94
CA ILE B 117 0.34 4.45 -11.96
C ILE B 117 0.55 3.34 -12.99
N GLU B 118 1.61 3.48 -13.79
CA GLU B 118 1.93 2.46 -14.77
C GLU B 118 2.50 1.22 -14.08
N THR B 119 2.02 0.05 -14.49
CA THR B 119 2.42 -1.18 -13.83
C THR B 119 2.52 -2.31 -14.86
N GLU B 120 3.38 -3.27 -14.60
CA GLU B 120 3.50 -4.46 -15.43
C GLU B 120 2.86 -5.60 -14.66
N LEU B 121 1.70 -6.05 -15.12
CA LEU B 121 0.91 -7.03 -14.38
C LEU B 121 1.18 -8.44 -14.88
N HIS B 122 1.53 -9.32 -13.95
CA HIS B 122 1.61 -10.75 -14.20
C HIS B 122 0.43 -11.40 -13.47
N TYR B 123 -0.37 -12.15 -14.23
CA TYR B 123 -1.62 -12.71 -13.72
C TYR B 123 -1.53 -14.22 -13.84
N PHE B 124 -1.58 -14.91 -12.71
CA PHE B 124 -1.46 -16.35 -12.66
C PHE B 124 -2.84 -16.95 -12.36
N LYS B 125 -3.25 -17.92 -13.15
CA LYS B 125 -4.54 -18.58 -12.93
C LYS B 125 -4.45 -20.07 -13.21
N GLY C 3 -0.03 15.31 -17.40
CA GLY C 3 1.11 15.72 -16.60
C GLY C 3 1.27 14.93 -15.31
N LYS C 4 2.35 14.17 -15.21
CA LYS C 4 2.53 13.34 -14.03
C LYS C 4 3.15 14.12 -12.88
N THR C 5 2.95 13.59 -11.68
CA THR C 5 3.64 14.11 -10.52
C THR C 5 4.36 12.94 -9.86
N LEU C 6 4.75 13.07 -8.60
CA LEU C 6 5.42 11.99 -7.88
C LEU C 6 4.66 11.64 -6.62
N ARG C 7 4.76 10.37 -6.25
CA ARG C 7 4.42 9.94 -4.90
C ARG C 7 5.66 9.36 -4.25
N PHE C 8 5.68 9.37 -2.93
CA PHE C 8 6.78 8.74 -2.20
C PHE C 8 6.24 7.58 -1.39
N GLU C 9 7.13 6.64 -1.09
CA GLU C 9 6.85 5.60 -0.11
C GLU C 9 8.08 5.39 0.76
N ILE C 10 7.88 5.47 2.08
CA ILE C 10 8.90 5.22 3.08
C ILE C 10 8.47 4.01 3.90
N VAL C 11 9.42 3.12 4.20
CA VAL C 11 9.19 2.00 5.11
C VAL C 11 10.12 2.15 6.30
N SER C 12 9.56 2.06 7.51
CA SER C 12 10.35 2.19 8.73
C SER C 12 9.95 1.13 9.73
N GLY C 13 10.92 0.72 10.53
CA GLY C 13 10.59 0.00 11.74
C GLY C 13 9.85 0.87 12.74
N VAL C 14 9.23 0.21 13.72
CA VAL C 14 8.51 0.93 14.77
C VAL C 14 9.27 0.98 16.08
N ASN C 15 10.37 0.24 16.20
CA ASN C 15 11.24 0.24 17.36
C ASN C 15 10.48 0.10 18.69
N LYS C 16 9.77 -1.03 18.80
CA LYS C 16 9.00 -1.33 20.01
C LYS C 16 9.87 -1.29 21.25
N GLY C 17 11.12 -1.75 21.13
CA GLY C 17 11.98 -1.82 22.30
C GLY C 17 12.36 -0.45 22.84
N TYR C 18 12.50 0.54 21.96
CA TYR C 18 12.84 1.89 22.41
C TYR C 18 11.61 2.67 22.84
N PHE C 19 10.47 2.46 22.17
CA PHE C 19 9.28 3.26 22.43
C PHE C 19 8.28 2.57 23.36
N HIS C 20 8.51 1.31 23.71
CA HIS C 20 7.68 0.60 24.70
C HIS C 20 6.21 0.57 24.31
N THR C 21 5.94 0.35 23.04
CA THR C 21 4.59 0.18 22.52
C THR C 21 4.28 -1.31 22.44
N ASN C 22 3.00 -1.64 22.56
CA ASN C 22 2.61 -3.06 22.62
C ASN C 22 1.43 -3.39 21.71
N SER C 23 1.19 -2.59 20.68
CA SER C 23 0.20 -2.94 19.67
C SER C 23 0.52 -2.19 18.40
N GLN C 24 0.04 -2.71 17.28
CA GLN C 24 0.23 -2.01 16.00
C GLN C 24 -0.45 -0.65 16.03
N SER C 25 -1.61 -0.57 16.68
CA SER C 25 -2.30 0.71 16.81
C SER C 25 -1.44 1.72 17.55
N GLU C 26 -0.82 1.31 18.66
CA GLU C 26 0.07 2.20 19.40
C GLU C 26 1.25 2.64 18.53
N SER C 27 1.82 1.71 17.74
CA SER C 27 2.91 2.07 16.85
C SER C 27 2.46 3.04 15.77
N LEU C 28 1.26 2.85 15.23
CA LEU C 28 0.78 3.75 14.19
C LEU C 28 0.60 5.16 14.72
N ASP C 29 0.01 5.29 15.91
CA ASP C 29 -0.18 6.60 16.50
C ASP C 29 1.15 7.25 16.82
N LEU C 30 2.12 6.47 17.28
CA LEU C 30 3.43 7.02 17.62
C LEU C 30 4.12 7.56 16.38
N VAL C 31 4.25 6.73 15.33
CA VAL C 31 4.86 7.19 14.09
C VAL C 31 4.07 8.35 13.49
N GLY C 32 2.73 8.27 13.54
CA GLY C 32 1.92 9.38 13.07
C GLY C 32 2.23 10.69 13.77
N GLY C 33 2.36 10.66 15.09
CA GLY C 33 2.70 11.87 15.82
C GLY C 33 4.08 12.39 15.48
N ILE C 34 5.04 11.47 15.32
CA ILE C 34 6.41 11.87 14.98
C ILE C 34 6.44 12.53 13.60
N TRP C 35 5.73 11.95 12.63
CA TRP C 35 5.67 12.56 11.31
C TRP C 35 4.95 13.90 11.35
N GLN C 36 3.82 13.98 12.06
CA GLN C 36 3.06 15.21 12.16
C GLN C 36 3.94 16.35 12.65
N LYS C 37 4.79 16.08 13.64
CA LYS C 37 5.66 17.11 14.19
C LYS C 37 6.73 17.53 13.19
N ILE C 38 7.46 16.56 12.63
CA ILE C 38 8.53 16.93 11.70
C ILE C 38 7.98 17.60 10.44
N ALA C 39 6.80 17.18 9.97
CA ALA C 39 6.22 17.83 8.79
C ALA C 39 5.80 19.26 9.10
N LYS C 40 5.22 19.49 10.28
CA LYS C 40 4.83 20.85 10.67
C LYS C 40 6.06 21.74 10.82
N GLU C 41 7.09 21.27 11.51
CA GLU C 41 8.29 22.09 11.67
C GLU C 41 8.89 22.45 10.32
N GLU C 42 8.95 21.48 9.39
CA GLU C 42 9.46 21.76 8.05
C GLU C 42 8.59 22.76 7.31
N PHE C 43 7.26 22.62 7.40
CA PHE C 43 6.35 23.56 6.76
C PHE C 43 6.56 24.97 7.29
N GLU C 44 6.82 25.11 8.58
CA GLU C 44 7.04 26.44 9.14
C GLU C 44 8.28 27.10 8.56
N LYS C 45 9.22 26.31 8.03
CA LYS C 45 10.44 26.87 7.45
C LYS C 45 10.29 27.12 5.94
N SER C 46 9.78 26.13 5.21
CA SER C 46 9.85 26.15 3.75
C SER C 46 8.50 26.37 3.08
N ASN C 47 7.40 26.34 3.83
CA ASN C 47 6.05 26.39 3.28
C ASN C 47 5.72 25.16 2.42
N ILE C 48 6.48 24.07 2.56
CA ILE C 48 6.17 22.80 1.93
C ILE C 48 5.71 21.83 3.01
N TYR C 49 4.43 21.46 2.97
CA TYR C 49 3.88 20.49 3.90
C TYR C 49 3.78 19.14 3.20
N VAL C 50 4.44 18.14 3.77
CA VAL C 50 4.42 16.77 3.24
C VAL C 50 3.49 15.96 4.12
N SER C 51 2.27 15.73 3.65
CA SER C 51 1.34 14.87 4.36
C SER C 51 1.66 13.41 4.03
N ALA C 52 1.21 12.51 4.90
CA ALA C 52 1.56 11.10 4.72
C ALA C 52 0.40 10.20 5.14
N VAL C 53 0.11 9.22 4.30
CA VAL C 53 -0.82 8.15 4.63
C VAL C 53 0.02 7.01 5.22
N ILE C 54 -0.34 6.56 6.43
CA ILE C 54 0.48 5.59 7.15
C ILE C 54 -0.31 4.30 7.34
N LYS C 55 0.33 3.17 7.08
CA LYS C 55 -0.29 1.85 7.13
C LYS C 55 0.56 0.92 8.01
N PRO C 56 -0.09 0.05 8.78
CA PRO C 56 0.64 -0.98 9.52
C PRO C 56 1.12 -2.09 8.59
N SER C 57 2.18 -2.76 9.00
CA SER C 57 2.75 -3.80 8.16
C SER C 57 3.72 -4.65 8.97
N LYS C 58 4.13 -5.76 8.38
CA LYS C 58 5.26 -6.54 8.87
C LYS C 58 6.20 -6.77 7.70
N THR C 59 7.50 -6.60 7.95
CA THR C 59 8.51 -6.77 6.93
C THR C 59 9.26 -8.07 7.19
N VAL C 60 9.28 -8.93 6.19
CA VAL C 60 9.87 -10.26 6.29
C VAL C 60 11.21 -10.23 5.57
N TYR C 61 12.28 -10.56 6.29
CA TYR C 61 13.61 -10.71 5.70
C TYR C 61 14.30 -11.84 6.42
N ASN C 62 15.56 -12.06 6.09
CA ASN C 62 16.26 -13.25 6.57
C ASN C 62 16.53 -13.13 8.06
N GLN C 63 16.18 -14.17 8.83
CA GLN C 63 16.52 -14.17 10.25
C GLN C 63 18.03 -14.06 10.46
N GLU C 64 18.81 -14.50 9.47
CA GLU C 64 20.26 -14.40 9.55
C GLU C 64 20.73 -12.96 9.71
N TRP C 65 19.93 -11.99 9.27
CA TRP C 65 20.28 -10.59 9.36
C TRP C 65 19.51 -9.87 10.45
N GLY C 66 18.89 -10.61 11.36
CA GLY C 66 18.24 -10.02 12.52
C GLY C 66 16.72 -9.96 12.47
N CYS C 67 16.09 -10.41 11.39
CA CYS C 67 14.64 -10.33 11.34
C CYS C 67 14.03 -11.29 12.37
N PRO C 68 12.99 -10.86 13.08
CA PRO C 68 12.27 -11.79 13.95
C PRO C 68 11.55 -12.85 13.12
N GLU C 69 11.18 -13.95 13.78
CA GLU C 69 10.39 -14.95 13.10
C GLU C 69 9.06 -14.36 12.67
N ASN C 70 8.70 -14.58 11.40
CA ASN C 70 7.49 -14.11 10.74
C ASN C 70 7.49 -12.61 10.41
N GLY C 71 8.54 -11.87 10.73
CA GLY C 71 8.60 -10.49 10.30
C GLY C 71 8.75 -9.45 11.39
N GLU C 72 9.31 -8.30 11.00
CA GLU C 72 9.47 -7.16 11.89
C GLU C 72 8.27 -6.23 11.76
N GLU C 73 7.81 -5.69 12.88
CA GLU C 73 6.73 -4.72 12.85
C GLU C 73 7.21 -3.43 12.22
N THR C 74 6.53 -2.99 11.16
CA THR C 74 6.96 -1.83 10.39
C THR C 74 5.76 -0.95 10.06
N VAL C 75 6.07 0.22 9.52
CA VAL C 75 5.05 1.14 9.04
C VAL C 75 5.43 1.61 7.65
N VAL C 76 4.43 1.77 6.80
CA VAL C 76 4.59 2.28 5.44
C VAL C 76 3.93 3.64 5.37
N LEU C 77 4.71 4.65 4.97
CA LEU C 77 4.23 6.02 4.81
C LEU C 77 4.28 6.39 3.33
N THR C 78 3.17 6.90 2.80
CA THR C 78 3.11 7.31 1.40
C THR C 78 2.47 8.70 1.30
N GLY C 79 2.80 9.39 0.21
CA GLY C 79 2.21 10.68 -0.03
C GLY C 79 2.44 11.07 -1.47
N VAL C 80 1.71 12.10 -1.89
CA VAL C 80 1.71 12.51 -3.29
C VAL C 80 2.00 14.00 -3.35
N ALA C 81 2.74 14.41 -4.37
CA ALA C 81 2.99 15.82 -4.61
C ALA C 81 1.80 16.38 -5.37
N ASN C 82 0.88 17.01 -4.64
CA ASN C 82 -0.34 17.54 -5.23
C ASN C 82 -0.03 18.90 -5.83
N GLU C 83 -0.17 19.01 -7.15
CA GLU C 83 0.15 20.26 -7.84
C GLU C 83 -0.67 21.44 -7.33
N GLU C 84 -1.79 21.18 -6.63
CA GLU C 84 -2.53 22.26 -6.01
C GLU C 84 -1.69 22.99 -4.96
N PHE C 85 -0.80 22.26 -4.28
CA PHE C 85 0.01 22.82 -3.21
C PHE C 85 1.50 22.83 -3.51
N VAL C 86 1.96 22.11 -4.53
CA VAL C 86 3.38 21.92 -4.80
C VAL C 86 3.72 22.67 -6.07
N ASP C 87 4.52 23.74 -5.94
CA ASP C 87 4.92 24.55 -7.07
C ASP C 87 6.25 24.13 -7.66
N ASP C 88 7.05 23.38 -6.91
CA ASP C 88 8.40 23.02 -7.33
C ASP C 88 8.59 21.58 -6.91
N ILE C 89 8.54 20.66 -7.88
CA ILE C 89 8.60 19.24 -7.54
C ILE C 89 9.97 18.88 -6.98
N GLU C 90 11.04 19.49 -7.49
CA GLU C 90 12.38 19.20 -6.96
C GLU C 90 12.47 19.57 -5.49
N LYS C 91 11.98 20.76 -5.13
CA LYS C 91 12.02 21.16 -3.72
C LYS C 91 11.17 20.25 -2.85
N TRP C 92 10.03 19.80 -3.38
CA TRP C 92 9.21 18.84 -2.63
C TRP C 92 9.96 17.54 -2.40
N LYS C 93 10.55 16.99 -3.46
CA LYS C 93 11.36 15.78 -3.37
C LYS C 93 12.47 15.93 -2.34
N ASP C 94 13.19 17.07 -2.35
CA ASP C 94 14.23 17.25 -1.36
C ASP C 94 13.65 17.34 0.05
N THR C 95 12.43 17.89 0.19
CA THR C 95 11.76 17.94 1.49
C THR C 95 11.40 16.53 1.98
N VAL C 96 10.85 15.70 1.09
CA VAL C 96 10.55 14.31 1.45
C VAL C 96 11.81 13.59 1.93
N ILE C 97 12.91 13.76 1.19
CA ILE C 97 14.17 13.12 1.58
C ILE C 97 14.63 13.62 2.94
N LYS C 98 14.54 14.93 3.17
CA LYS C 98 14.94 15.50 4.46
C LYS C 98 14.12 14.87 5.59
N LEU C 99 12.80 14.78 5.40
CA LEU C 99 11.91 14.22 6.41
C LEU C 99 12.17 12.73 6.62
N ALA C 100 12.42 11.99 5.53
CA ALA C 100 12.74 10.57 5.67
C ALA C 100 13.98 10.38 6.53
N LYS C 101 14.99 11.24 6.37
CA LYS C 101 16.19 11.13 7.18
C LYS C 101 15.92 11.49 8.64
N GLU C 102 15.05 12.50 8.88
CA GLU C 102 14.68 12.82 10.25
C GLU C 102 13.92 11.68 10.90
N LEU C 103 12.98 11.06 10.16
CA LEU C 103 12.25 9.91 10.67
C LEU C 103 13.20 8.76 11.00
N LYS C 104 14.16 8.49 10.12
CA LYS C 104 15.15 7.46 10.39
C LYS C 104 15.87 7.73 11.71
N ASN C 105 16.25 8.98 11.95
CA ASN C 105 16.97 9.30 13.18
C ASN C 105 16.06 9.16 14.39
N GLN C 106 14.85 9.72 14.30
CA GLN C 106 13.98 9.72 15.47
C GLN C 106 13.46 8.33 15.82
N MET C 107 13.29 7.47 14.82
CA MET C 107 12.93 6.08 15.04
C MET C 107 14.12 5.19 15.37
N LYS C 108 15.34 5.75 15.41
CA LYS C 108 16.57 5.00 15.73
C LYS C 108 16.79 3.84 14.77
N GLN C 109 16.49 4.06 13.48
CA GLN C 109 16.65 3.03 12.47
C GLN C 109 18.07 3.03 11.91
N SER C 110 18.57 1.84 11.61
CA SER C 110 19.91 1.74 11.02
C SER C 110 19.88 1.94 9.51
N THR C 111 18.76 1.58 8.87
CA THR C 111 18.56 1.77 7.44
C THR C 111 17.12 2.18 7.22
N LEU C 112 16.85 2.77 6.07
CA LEU C 112 15.50 3.19 5.70
C LEU C 112 15.45 3.34 4.19
N THR C 113 14.32 2.96 3.59
CA THR C 113 14.07 3.15 2.17
C THR C 113 13.12 4.30 1.94
N CYS C 114 13.40 5.11 0.93
CA CYS C 114 12.49 6.16 0.48
C CYS C 114 12.43 6.10 -1.03
N GLU C 115 11.25 5.82 -1.57
CA GLU C 115 11.08 5.66 -3.01
C GLU C 115 10.22 6.77 -3.57
N PHE C 116 10.45 7.09 -4.83
CA PHE C 116 9.60 8.00 -5.59
C PHE C 116 9.09 7.26 -6.82
N ILE C 117 7.79 7.40 -7.08
CA ILE C 117 7.12 6.72 -8.18
C ILE C 117 6.34 7.76 -8.96
N GLU C 118 6.40 7.69 -10.30
CA GLU C 118 5.62 8.60 -11.11
C GLU C 118 4.13 8.23 -11.07
N THR C 119 3.28 9.25 -10.97
CA THR C 119 1.87 8.99 -10.78
C THR C 119 1.08 10.11 -11.45
N GLU C 120 -0.09 9.77 -11.96
CA GLU C 120 -0.99 10.75 -12.54
C GLU C 120 -2.08 11.03 -11.52
N LEU C 121 -2.07 12.22 -10.91
CA LEU C 121 -2.97 12.55 -9.83
C LEU C 121 -4.20 13.28 -10.34
N HIS C 122 -5.38 12.77 -9.98
CA HIS C 122 -6.64 13.45 -10.17
C HIS C 122 -7.15 13.86 -8.80
N TYR C 123 -7.29 15.16 -8.59
CA TYR C 123 -7.67 15.72 -7.29
C TYR C 123 -9.06 16.30 -7.41
N PHE C 124 -9.99 15.75 -6.64
CA PHE C 124 -11.38 16.18 -6.68
C PHE C 124 -11.67 17.03 -5.46
N LYS C 125 -12.20 18.23 -5.67
CA LYS C 125 -12.53 19.11 -4.58
C LYS C 125 -13.89 19.75 -4.82
#